data_5SB0
#
_entry.id   5SB0
#
_cell.length_a   62.056
_cell.length_b   76.661
_cell.length_c   77.783
_cell.angle_alpha   90.000
_cell.angle_beta   90.000
_cell.angle_gamma   90.000
#
_symmetry.space_group_name_H-M   'P 21 21 21'
#
loop_
_entity.id
_entity.type
_entity.pdbx_description
1 polymer 'Epithelial discoidin domain-containing receptor 1'
2 non-polymer 'IODIDE ION'
3 non-polymer N-{[(1R,2S)-2-{2-[(pyridin-3-yl)oxy]ethyl}cyclohexyl]methyl}-3-(trifluoromethoxy)benzamide
4 non-polymer 'CHLORIDE ION'
5 water water
#
_entity_poly.entity_id   1
_entity_poly.type   'polypeptide(L)'
_entity_poly.pdbx_seq_one_letter_code
;PGAVGDGPPRVDFPRSRLRFKEKLGEGQFGEVHLCEVDSPQDLVSLDFPLNVRKGHPLLVAVKILRPDATKNARNDFLKE
VKIMSRLKDPNIIRLLGVCVQDDPLCMITDYMENGDLNQFLSAHQLEDKAAEGAPGDPTISYPMLLHVAAQIASGMRYLA
TLNFVHRDLATRNCLVGENFTIKIADFGMSRNLYAGDYYRVQGRAVLPIRWMAWECILMGKFTTASDVWAFGVTLWEVLM
LCRAQPFGQLTDEQVIENAGEFFRDQGRQVYLSRPPACPQGLYELMLRCWSRESEQRPPFSQLHRFLAEDALNTVHHHHH
H
;
_entity_poly.pdbx_strand_id   A
#
loop_
_chem_comp.id
_chem_comp.type
_chem_comp.name
_chem_comp.formula
1IZ non-polymer N-{[(1R,2S)-2-{2-[(pyridin-3-yl)oxy]ethyl}cyclohexyl]methyl}-3-(trifluoromethoxy)benzamide 'C22 H25 F3 N2 O3'
CL non-polymer 'CHLORIDE ION' 'Cl -1'
IOD non-polymer 'IODIDE ION' 'I -1'
#
# COMPACT_ATOMS: atom_id res chain seq x y z
N ASP A 12 22.24 4.27 -16.15
CA ASP A 12 21.68 5.61 -16.01
C ASP A 12 20.97 6.07 -17.28
N PHE A 13 20.49 7.31 -17.26
CA PHE A 13 19.58 7.77 -18.30
C PHE A 13 19.55 9.30 -18.41
N PRO A 14 19.66 9.81 -19.65
CA PRO A 14 19.69 11.26 -19.88
C PRO A 14 18.32 11.92 -19.88
N ARG A 15 18.17 12.99 -19.09
CA ARG A 15 16.90 13.70 -19.00
C ARG A 15 16.42 14.26 -20.34
N SER A 16 17.34 14.44 -21.28
CA SER A 16 17.00 14.88 -22.62
C SER A 16 16.19 13.83 -23.36
N ARG A 17 16.37 12.57 -22.99
CA ARG A 17 15.71 11.47 -23.68
C ARG A 17 14.29 11.23 -23.21
N LEU A 18 13.83 12.05 -22.27
CA LEU A 18 12.45 11.95 -21.77
C LEU A 18 11.53 12.96 -22.45
N ARG A 19 10.27 12.58 -22.66
CA ARG A 19 9.28 13.52 -23.18
C ARG A 19 8.12 13.65 -22.19
N PHE A 20 8.12 14.73 -21.41
CA PHE A 20 7.10 14.89 -20.38
C PHE A 20 5.74 15.11 -21.01
N LYS A 21 4.72 14.46 -20.48
CA LYS A 21 3.42 14.42 -21.13
C LYS A 21 2.27 14.90 -20.22
N GLU A 22 2.28 14.49 -18.97
CA GLU A 22 1.30 15.00 -18.02
C GLU A 22 1.75 14.78 -16.59
N LYS A 23 0.97 15.30 -15.66
CA LYS A 23 1.33 15.28 -14.25
C LYS A 23 0.52 14.27 -13.48
N LEU A 24 1.19 13.37 -12.79
CA LEU A 24 0.51 12.30 -12.07
C LEU A 24 0.24 12.62 -10.59
N GLY A 25 1.17 13.30 -9.92
CA GLY A 25 0.97 13.66 -8.53
C GLY A 25 2.10 14.46 -7.87
N GLU A 26 1.84 14.94 -6.66
CA GLU A 26 2.81 15.77 -5.93
C GLU A 26 3.20 15.13 -4.61
N GLY A 27 4.50 15.11 -4.33
CA GLY A 27 5.03 14.59 -3.08
C GLY A 27 5.71 15.67 -2.27
N GLN A 28 6.11 15.31 -1.05
CA GLN A 28 6.72 16.27 -0.13
C GLN A 28 8.08 16.77 -0.63
N PHE A 29 8.82 15.90 -1.32
CA PHE A 29 10.12 16.29 -1.85
C PHE A 29 10.31 15.95 -3.35
N GLY A 30 9.21 15.72 -4.06
CA GLY A 30 9.28 15.48 -5.49
C GLY A 30 7.92 15.59 -6.15
N GLU A 31 7.89 15.48 -7.47
CA GLU A 31 6.65 15.43 -8.23
C GLU A 31 6.77 14.41 -9.36
N VAL A 32 5.66 13.74 -9.69
CA VAL A 32 5.67 12.62 -10.63
C VAL A 32 5.01 12.95 -11.96
N HIS A 33 5.70 12.64 -13.05
CA HIS A 33 5.18 12.86 -14.40
C HIS A 33 5.11 11.58 -15.25
N LEU A 34 4.09 11.47 -16.08
CA LEU A 34 4.07 10.47 -17.16
C LEU A 34 4.95 10.95 -18.31
N CYS A 35 5.91 10.13 -18.72
CA CYS A 35 6.84 10.48 -19.78
C CYS A 35 6.90 9.41 -20.87
N GLU A 36 7.14 9.84 -22.10
CA GLU A 36 7.42 8.93 -23.22
C GLU A 36 8.90 8.77 -23.46
N VAL A 37 9.30 7.54 -23.76
CA VAL A 37 10.67 7.26 -24.16
C VAL A 37 10.67 6.75 -25.60
N ASP A 38 11.43 7.41 -26.47
CA ASP A 38 11.45 7.02 -27.87
C ASP A 38 12.54 5.99 -28.13
N SER A 39 13.69 6.16 -27.49
CA SER A 39 14.85 5.29 -27.73
C SER A 39 15.32 4.57 -26.46
N PRO A 40 14.61 3.50 -26.07
CA PRO A 40 14.95 2.76 -24.85
C PRO A 40 16.24 1.94 -24.98
N GLN A 41 16.66 1.32 -23.87
CA GLN A 41 17.81 0.42 -23.88
C GLN A 41 17.88 -0.39 -22.57
N PRO A 57 7.06 3.89 -28.46
CA PRO A 57 6.03 4.53 -27.62
C PRO A 57 5.99 3.91 -26.23
N LEU A 58 7.09 3.98 -25.51
CA LEU A 58 7.19 3.39 -24.16
C LEU A 58 6.86 4.41 -23.06
N LEU A 59 5.81 4.15 -22.28
CA LEU A 59 5.41 5.05 -21.19
C LEU A 59 6.10 4.72 -19.86
N VAL A 60 6.57 5.75 -19.16
CA VAL A 60 7.20 5.57 -17.85
C VAL A 60 6.78 6.66 -16.86
N ALA A 61 6.94 6.37 -15.58
CA ALA A 61 6.65 7.33 -14.54
C ALA A 61 7.96 7.88 -14.01
N VAL A 62 8.04 9.20 -13.91
CA VAL A 62 9.28 9.85 -13.52
C VAL A 62 9.09 10.84 -12.38
N LYS A 63 9.82 10.65 -11.28
CA LYS A 63 9.80 11.59 -10.18
C LYS A 63 11.00 12.52 -10.30
N ILE A 64 10.74 13.81 -10.12
CA ILE A 64 11.79 14.84 -10.18
C ILE A 64 11.60 15.78 -8.98
N LEU A 65 12.61 16.60 -8.69
CA LEU A 65 12.48 17.59 -7.61
C LEU A 65 11.37 18.61 -7.90
N ARG A 66 10.71 19.08 -6.86
CA ARG A 66 9.75 20.18 -6.97
C ARG A 66 10.48 21.49 -7.33
N PRO A 67 9.77 22.43 -7.95
CA PRO A 67 10.38 23.73 -8.29
C PRO A 67 11.04 24.44 -7.11
N ASP A 68 10.46 24.33 -5.91
CA ASP A 68 11.06 24.97 -4.74
C ASP A 68 11.95 23.98 -3.97
N ALA A 69 12.76 23.22 -4.71
CA ALA A 69 13.58 22.17 -4.14
C ALA A 69 14.56 22.67 -3.07
N THR A 70 14.43 22.14 -1.85
CA THR A 70 15.32 22.52 -0.76
C THR A 70 16.49 21.54 -0.58
N LYS A 71 17.47 21.92 0.25
CA LYS A 71 18.56 21.01 0.58
C LYS A 71 18.03 19.73 1.24
N ASN A 72 17.10 19.87 2.18
CA ASN A 72 16.54 18.71 2.87
C ASN A 72 15.74 17.80 1.95
N ALA A 73 15.13 18.40 0.92
CA ALA A 73 14.34 17.64 -0.04
C ALA A 73 15.24 16.82 -0.97
N ARG A 74 16.31 17.42 -1.47
CA ARG A 74 17.27 16.67 -2.26
C ARG A 74 17.85 15.48 -1.45
N ASN A 75 18.06 15.68 -0.16
CA ASN A 75 18.55 14.59 0.69
C ASN A 75 17.57 13.42 0.77
N ASP A 76 16.31 13.73 1.05
CA ASP A 76 15.26 12.70 1.10
C ASP A 76 15.04 12.00 -0.24
N PHE A 77 15.23 12.72 -1.33
CA PHE A 77 15.06 12.17 -2.67
C PHE A 77 16.14 11.11 -2.94
N LEU A 78 17.37 11.45 -2.60
CA LEU A 78 18.49 10.52 -2.78
C LEU A 78 18.36 9.27 -1.93
N LYS A 79 17.79 9.40 -0.74
CA LYS A 79 17.59 8.22 0.09
C LYS A 79 16.46 7.36 -0.45
N GLU A 80 15.42 7.99 -0.99
CA GLU A 80 14.36 7.25 -1.63
C GLU A 80 14.93 6.35 -2.74
N VAL A 81 15.86 6.89 -3.52
CA VAL A 81 16.48 6.11 -4.59
C VAL A 81 17.23 4.93 -4.00
N LYS A 82 17.94 5.16 -2.90
CA LYS A 82 18.68 4.07 -2.26
C LYS A 82 17.76 2.98 -1.69
N ILE A 83 16.65 3.39 -1.09
CA ILE A 83 15.71 2.41 -0.53
C ILE A 83 15.09 1.59 -1.66
N MET A 84 14.66 2.28 -2.70
CA MET A 84 14.00 1.62 -3.81
C MET A 84 14.92 0.67 -4.58
N SER A 85 16.22 0.96 -4.58
CA SER A 85 17.16 0.14 -5.32
C SER A 85 17.33 -1.25 -4.69
N ARG A 86 16.85 -1.46 -3.48
CA ARG A 86 16.90 -2.77 -2.83
C ARG A 86 15.86 -3.72 -3.40
N LEU A 87 14.79 -3.18 -3.98
CA LEU A 87 13.56 -3.94 -4.16
C LEU A 87 13.34 -4.50 -5.56
N LYS A 88 13.36 -5.82 -5.67
CA LYS A 88 13.28 -6.52 -6.95
C LYS A 88 12.33 -7.71 -6.88
N ASP A 89 11.06 -7.46 -7.17
CA ASP A 89 10.04 -8.51 -7.10
C ASP A 89 8.91 -8.08 -8.02
N PRO A 90 8.25 -9.06 -8.66
CA PRO A 90 7.12 -8.79 -9.56
C PRO A 90 6.01 -7.94 -8.93
N ASN A 91 5.80 -8.03 -7.62
CA ASN A 91 4.69 -7.30 -7.00
C ASN A 91 5.14 -6.16 -6.09
N ILE A 92 6.33 -5.64 -6.35
CA ILE A 92 6.83 -4.44 -5.68
C ILE A 92 7.23 -3.46 -6.77
N ILE A 93 6.92 -2.18 -6.58
CA ILE A 93 7.43 -1.15 -7.49
C ILE A 93 8.93 -1.34 -7.78
N ARG A 94 9.36 -1.13 -9.02
CA ARG A 94 10.79 -1.22 -9.31
C ARG A 94 11.34 0.05 -9.94
N LEU A 95 12.58 0.35 -9.58
CA LEU A 95 13.36 1.44 -10.16
C LEU A 95 13.94 1.01 -11.50
N LEU A 96 13.47 1.58 -12.60
CA LEU A 96 13.99 1.21 -13.92
C LEU A 96 15.29 1.94 -14.22
N GLY A 97 15.52 3.07 -13.55
CA GLY A 97 16.73 3.84 -13.76
C GLY A 97 16.69 5.20 -13.08
N VAL A 98 17.85 5.85 -13.03
CA VAL A 98 17.95 7.20 -12.52
C VAL A 98 18.66 8.05 -13.56
N CYS A 99 18.68 9.35 -13.36
CA CYS A 99 19.31 10.23 -14.34
C CYS A 99 20.80 10.37 -14.11
N VAL A 100 21.51 10.75 -15.17
CA VAL A 100 22.95 10.99 -15.09
C VAL A 100 23.22 12.05 -14.02
N GLN A 101 24.35 11.92 -13.34
CA GLN A 101 24.66 12.73 -12.16
C GLN A 101 24.48 14.24 -12.34
N ASP A 102 25.04 14.79 -13.42
CA ASP A 102 25.02 16.24 -13.62
C ASP A 102 23.72 16.77 -14.23
N ASP A 103 22.79 15.86 -14.50
CA ASP A 103 21.43 16.29 -14.81
C ASP A 103 20.72 16.59 -13.51
N PRO A 104 19.62 17.35 -13.57
CA PRO A 104 18.71 17.44 -12.43
C PRO A 104 18.19 16.05 -12.06
N LEU A 105 18.13 15.74 -10.77
CA LEU A 105 17.80 14.40 -10.29
C LEU A 105 16.49 13.85 -10.83
N CYS A 106 16.47 12.56 -11.15
CA CYS A 106 15.21 11.91 -11.50
C CYS A 106 15.19 10.41 -11.15
N MET A 107 13.97 9.92 -10.91
CA MET A 107 13.68 8.51 -10.68
C MET A 107 12.73 8.02 -11.75
N ILE A 108 13.04 6.90 -12.38
CA ILE A 108 12.19 6.34 -13.42
C ILE A 108 11.67 4.95 -13.06
N THR A 109 10.37 4.73 -13.24
CA THR A 109 9.72 3.46 -12.94
C THR A 109 8.62 3.17 -13.97
N ASP A 110 8.07 1.96 -13.94
CA ASP A 110 6.99 1.58 -14.85
C ASP A 110 5.75 2.44 -14.67
N TYR A 111 5.10 2.83 -15.76
CA TYR A 111 3.80 3.49 -15.68
C TYR A 111 2.75 2.45 -15.31
N MET A 112 2.03 2.68 -14.22
CA MET A 112 0.95 1.78 -13.83
C MET A 112 -0.36 2.45 -14.18
N GLU A 113 -0.95 2.02 -15.30
CA GLU A 113 -1.96 2.83 -15.98
C GLU A 113 -3.30 2.91 -15.26
N ASN A 114 -3.55 2.05 -14.29
CA ASN A 114 -4.81 2.15 -13.56
C ASN A 114 -4.69 2.81 -12.18
N GLY A 115 -3.60 3.51 -11.94
CA GLY A 115 -3.46 4.28 -10.71
C GLY A 115 -3.42 3.47 -9.42
N ASP A 116 -3.85 4.08 -8.32
CA ASP A 116 -3.77 3.40 -7.04
C ASP A 116 -5.01 2.53 -6.82
N LEU A 117 -4.80 1.49 -6.02
CA LEU A 117 -5.78 0.41 -5.86
C LEU A 117 -7.09 0.88 -5.21
N ASN A 118 -7.00 1.89 -4.37
CA ASN A 118 -8.16 2.40 -3.65
C ASN A 118 -9.15 3.09 -4.60
N GLN A 119 -8.64 3.98 -5.43
CA GLN A 119 -9.45 4.62 -6.48
C GLN A 119 -9.97 3.57 -7.46
N PHE A 120 -9.11 2.64 -7.85
CA PHE A 120 -9.46 1.62 -8.82
C PHE A 120 -10.60 0.72 -8.32
N LEU A 121 -10.49 0.19 -7.10
CA LEU A 121 -11.55 -0.67 -6.59
C LEU A 121 -12.85 0.08 -6.33
N SER A 122 -12.71 1.35 -5.95
CA SER A 122 -13.86 2.24 -5.76
C SER A 122 -14.73 2.34 -7.00
N ALA A 123 -14.11 2.23 -8.18
CA ALA A 123 -14.83 2.34 -9.46
C ALA A 123 -15.37 1.00 -9.99
N HIS A 124 -15.34 -0.04 -9.15
CA HIS A 124 -15.89 -1.36 -9.49
C HIS A 124 -16.91 -1.79 -8.46
N GLN A 125 -17.82 -2.70 -8.81
CA GLN A 125 -18.60 -3.32 -7.74
C GLN A 125 -18.63 -4.83 -7.92
N LEU A 126 -19.00 -5.56 -6.86
CA LEU A 126 -18.93 -7.01 -6.89
C LEU A 126 -19.92 -7.48 -7.95
N GLU A 127 -19.50 -8.41 -8.80
CA GLU A 127 -20.39 -8.90 -9.84
C GLU A 127 -21.55 -9.64 -9.19
N ASP A 128 -22.71 -9.52 -9.83
CA ASP A 128 -23.93 -10.21 -9.41
C ASP A 128 -24.10 -11.44 -10.30
N LYS A 129 -23.69 -12.61 -9.79
CA LYS A 129 -23.62 -13.82 -10.60
C LYS A 129 -24.99 -14.23 -11.17
N ALA A 130 -26.05 -13.82 -10.47
CA ALA A 130 -27.41 -13.99 -10.98
C ALA A 130 -27.56 -13.33 -12.34
N ALA A 131 -27.48 -12.00 -12.38
CA ALA A 131 -27.67 -11.25 -13.61
C ALA A 131 -26.43 -10.46 -14.00
N ASP A 137 -21.04 0.10 -15.84
CA ASP A 137 -20.02 0.04 -14.80
C ASP A 137 -19.28 -1.31 -14.82
N PRO A 138 -17.94 -1.26 -14.82
CA PRO A 138 -17.11 -2.46 -14.73
C PRO A 138 -17.32 -3.19 -13.40
N THR A 139 -17.15 -4.51 -13.40
CA THR A 139 -17.36 -5.31 -12.19
C THR A 139 -16.12 -6.11 -11.85
N ILE A 140 -16.15 -6.77 -10.68
CA ILE A 140 -15.03 -7.58 -10.28
C ILE A 140 -15.58 -8.78 -9.52
N SER A 141 -15.01 -9.95 -9.79
CA SER A 141 -15.50 -11.17 -9.15
C SER A 141 -14.75 -11.45 -7.86
N TYR A 142 -15.32 -12.29 -7.02
CA TYR A 142 -14.65 -12.70 -5.79
C TYR A 142 -13.27 -13.34 -6.07
N PRO A 143 -13.19 -14.27 -7.04
CA PRO A 143 -11.86 -14.83 -7.33
C PRO A 143 -10.85 -13.79 -7.82
N MET A 144 -11.30 -12.75 -8.50
CA MET A 144 -10.36 -11.72 -8.92
C MET A 144 -9.90 -10.91 -7.70
N LEU A 145 -10.78 -10.71 -6.74
CA LEU A 145 -10.41 -10.03 -5.50
C LEU A 145 -9.37 -10.84 -4.76
N LEU A 146 -9.55 -12.16 -4.74
CA LEU A 146 -8.56 -13.04 -4.15
C LEU A 146 -7.23 -12.91 -4.85
N HIS A 147 -7.27 -12.77 -6.17
CA HIS A 147 -6.07 -12.66 -6.98
C HIS A 147 -5.30 -11.37 -6.62
N VAL A 148 -6.05 -10.29 -6.48
CA VAL A 148 -5.49 -9.00 -6.06
C VAL A 148 -4.86 -9.06 -4.68
N ALA A 149 -5.58 -9.64 -3.73
CA ALA A 149 -5.05 -9.80 -2.38
C ALA A 149 -3.82 -10.70 -2.35
N ALA A 150 -3.80 -11.72 -3.19
CA ALA A 150 -2.72 -12.69 -3.14
C ALA A 150 -1.42 -12.06 -3.64
N GLN A 151 -1.52 -11.17 -4.63
CA GLN A 151 -0.33 -10.50 -5.14
C GLN A 151 0.27 -9.57 -4.07
N ILE A 152 -0.60 -8.87 -3.34
CA ILE A 152 -0.12 -8.04 -2.23
C ILE A 152 0.62 -8.91 -1.19
N ALA A 153 0.01 -10.03 -0.83
CA ALA A 153 0.63 -10.97 0.11
C ALA A 153 1.98 -11.46 -0.41
N SER A 154 2.10 -11.70 -1.71
CA SER A 154 3.36 -12.19 -2.26
C SER A 154 4.44 -11.11 -2.23
N GLY A 155 4.03 -9.88 -2.52
CA GLY A 155 4.96 -8.76 -2.45
C GLY A 155 5.45 -8.60 -1.02
N MET A 156 4.55 -8.70 -0.05
CA MET A 156 4.97 -8.59 1.34
C MET A 156 5.83 -9.78 1.79
N ARG A 157 5.60 -10.95 1.19
CA ARG A 157 6.41 -12.14 1.48
C ARG A 157 7.85 -11.79 1.12
N TYR A 158 8.03 -11.18 -0.05
CA TYR A 158 9.34 -10.81 -0.51
C TYR A 158 9.99 -9.80 0.44
N LEU A 159 9.25 -8.75 0.81
CA LEU A 159 9.77 -7.73 1.72
C LEU A 159 10.26 -8.35 3.05
N ALA A 160 9.50 -9.31 3.57
CA ALA A 160 9.85 -9.99 4.80
C ALA A 160 11.18 -10.75 4.68
N THR A 161 11.47 -11.31 3.51
CA THR A 161 12.76 -12.00 3.34
C THR A 161 13.95 -11.03 3.38
N LEU A 162 13.71 -9.75 3.05
CA LEU A 162 14.76 -8.74 3.14
C LEU A 162 14.85 -8.10 4.52
N ASN A 163 14.01 -8.57 5.45
CA ASN A 163 13.74 -7.87 6.70
C ASN A 163 13.41 -6.38 6.50
N PHE A 164 12.66 -6.10 5.44
CA PHE A 164 12.26 -4.74 5.14
C PHE A 164 10.86 -4.50 5.68
N VAL A 165 10.71 -3.43 6.47
CA VAL A 165 9.42 -3.10 7.06
C VAL A 165 8.76 -1.93 6.31
N HIS A 166 7.56 -2.15 5.78
CA HIS A 166 6.90 -1.15 4.92
C HIS A 166 6.46 0.08 5.70
N ARG A 167 5.73 -0.17 6.79
CA ARG A 167 5.29 0.81 7.81
C ARG A 167 3.97 1.53 7.45
N ASP A 168 3.51 1.40 6.22
CA ASP A 168 2.29 2.11 5.79
C ASP A 168 1.56 1.36 4.67
N LEU A 169 1.39 0.04 4.83
CA LEU A 169 0.61 -0.74 3.85
C LEU A 169 -0.88 -0.41 3.92
N ALA A 170 -1.52 -0.22 2.76
CA ALA A 170 -2.93 0.16 2.63
C ALA A 170 -3.22 0.14 1.13
N THR A 171 -4.49 0.09 0.74
CA THR A 171 -4.78 0.09 -0.69
C THR A 171 -4.36 1.40 -1.36
N ARG A 172 -4.38 2.51 -0.63
CA ARG A 172 -3.94 3.76 -1.22
C ARG A 172 -2.47 3.73 -1.70
N ASN A 173 -1.66 2.81 -1.14
CA ASN A 173 -0.24 2.67 -1.54
C ASN A 173 0.05 1.50 -2.49
N CYS A 174 -0.98 0.86 -3.02
CA CYS A 174 -0.77 -0.13 -4.08
C CYS A 174 -1.12 0.44 -5.44
N LEU A 175 -0.39 0.03 -6.46
CA LEU A 175 -0.62 0.47 -7.84
C LEU A 175 -1.24 -0.67 -8.69
N VAL A 176 -1.94 -0.30 -9.76
CA VAL A 176 -2.62 -1.28 -10.61
C VAL A 176 -2.16 -1.10 -12.06
N GLY A 177 -1.69 -2.19 -12.66
CA GLY A 177 -1.31 -2.19 -14.05
C GLY A 177 -2.36 -2.83 -14.95
N GLU A 178 -1.91 -3.38 -16.07
CA GLU A 178 -2.78 -4.12 -16.97
C GLU A 178 -3.15 -5.46 -16.37
N ASN A 179 -4.35 -5.94 -16.67
CA ASN A 179 -4.80 -7.26 -16.25
C ASN A 179 -4.78 -7.46 -14.73
N PHE A 180 -5.28 -6.46 -14.00
CA PHE A 180 -5.30 -6.52 -12.54
C PHE A 180 -3.94 -6.89 -11.90
N THR A 181 -2.82 -6.59 -12.54
CA THR A 181 -1.54 -6.81 -11.85
C THR A 181 -1.35 -5.72 -10.78
N ILE A 182 -0.81 -6.12 -9.64
CA ILE A 182 -0.70 -5.22 -8.49
C ILE A 182 0.75 -5.05 -8.07
N LYS A 183 1.13 -3.81 -7.74
CA LYS A 183 2.48 -3.57 -7.18
C LYS A 183 2.42 -2.63 -5.98
N ILE A 184 2.98 -3.09 -4.87
CA ILE A 184 3.05 -2.32 -3.64
C ILE A 184 4.04 -1.18 -3.80
N ALA A 185 3.64 0.01 -3.40
CA ALA A 185 4.52 1.18 -3.46
C ALA A 185 4.46 1.96 -2.15
N ASP A 186 5.00 3.17 -2.13
CA ASP A 186 4.82 4.02 -0.95
C ASP A 186 4.82 5.51 -1.38
N PHE A 187 3.63 6.13 -1.41
CA PHE A 187 3.48 7.52 -1.86
C PHE A 187 3.90 8.54 -0.80
N GLY A 188 4.19 8.07 0.40
CA GLY A 188 4.38 8.97 1.53
C GLY A 188 3.02 9.32 2.10
N MET A 189 3.00 10.23 3.07
CA MET A 189 1.78 10.56 3.77
C MET A 189 1.21 11.97 3.49
N SER A 190 1.54 12.56 2.34
CA SER A 190 1.20 13.97 2.12
C SER A 190 0.05 14.24 1.14
N ARG A 191 -0.43 13.22 0.44
CA ARG A 191 -1.51 13.44 -0.54
C ARG A 191 -2.79 13.90 0.14
N ASN A 192 -3.33 15.01 -0.32
CA ASN A 192 -4.51 15.57 0.28
C ASN A 192 -5.70 14.60 0.23
N LEU A 193 -5.75 13.81 -0.83
CA LEU A 193 -6.84 12.86 -1.03
C LEU A 193 -6.99 11.92 0.17
N TYR A 194 -5.88 11.56 0.82
CA TYR A 194 -5.94 10.60 1.91
C TYR A 194 -5.53 11.19 3.26
N ALA A 195 -5.74 12.50 3.40
CA ALA A 195 -5.44 13.22 4.63
C ALA A 195 -6.12 12.63 5.86
N GLY A 196 -7.37 12.19 5.69
CA GLY A 196 -8.15 11.59 6.75
C GLY A 196 -7.65 10.24 7.23
N ASP A 197 -6.71 9.64 6.47
CA ASP A 197 -6.13 8.35 6.85
C ASP A 197 -4.95 8.50 7.82
N TYR A 198 -4.55 9.73 8.11
CA TYR A 198 -3.36 9.96 8.93
C TYR A 198 -3.65 10.87 10.12
N TYR A 199 -3.20 10.45 11.29
CA TYR A 199 -3.38 11.20 12.52
C TYR A 199 -2.17 12.09 12.83
N ARG A 200 -2.42 13.40 12.93
CA ARG A 200 -1.35 14.40 13.02
C ARG A 200 -1.34 15.15 14.34
N VAL A 201 -0.18 15.20 14.97
CA VAL A 201 0.05 16.03 16.15
C VAL A 201 1.34 16.81 15.95
N GLN A 202 1.29 18.11 16.23
CA GLN A 202 2.45 18.99 16.09
C GLN A 202 3.70 18.37 16.70
N GLY A 203 4.78 18.33 15.94
CA GLY A 203 6.06 17.86 16.45
C GLY A 203 6.21 16.35 16.51
N ARG A 204 5.17 15.63 16.10
CA ARG A 204 5.22 14.17 16.11
C ARG A 204 5.19 13.56 14.70
N ALA A 205 5.63 12.31 14.60
CA ALA A 205 5.45 11.53 13.38
C ALA A 205 3.98 11.42 13.01
N VAL A 206 3.70 11.47 11.72
CA VAL A 206 2.36 11.23 11.18
C VAL A 206 2.00 9.73 11.18
N LEU A 207 0.83 9.39 11.72
CA LEU A 207 0.48 7.97 11.93
C LEU A 207 -0.80 7.50 11.21
N PRO A 208 -0.69 6.44 10.37
CA PRO A 208 -1.91 5.82 9.79
C PRO A 208 -2.62 4.92 10.82
N ILE A 209 -3.25 5.52 11.82
CA ILE A 209 -3.63 4.76 13.01
C ILE A 209 -4.67 3.65 12.77
N ARG A 210 -5.50 3.81 11.73
CA ARG A 210 -6.56 2.82 11.50
C ARG A 210 -6.02 1.52 10.87
N TRP A 211 -4.79 1.59 10.37
CA TRP A 211 -4.06 0.43 9.85
C TRP A 211 -3.04 -0.13 10.84
N MET A 212 -2.84 0.56 11.97
CA MET A 212 -1.74 0.23 12.87
C MET A 212 -2.06 -0.77 13.99
N ALA A 213 -1.16 -1.73 14.20
CA ALA A 213 -1.24 -2.69 15.30
C ALA A 213 -1.21 -1.96 16.62
N TRP A 214 -1.84 -2.55 17.62
CA TRP A 214 -1.97 -1.90 18.91
C TRP A 214 -0.60 -1.54 19.50
N GLU A 215 0.42 -2.37 19.28
CA GLU A 215 1.72 -2.09 19.89
C GLU A 215 2.36 -0.89 19.19
N CYS A 216 2.03 -0.69 17.93
CA CYS A 216 2.54 0.46 17.17
C CYS A 216 1.99 1.78 17.66
N ILE A 217 0.70 1.76 17.98
CA ILE A 217 0.05 2.97 18.44
C ILE A 217 0.58 3.35 19.80
N LEU A 218 0.72 2.36 20.68
CA LEU A 218 1.17 2.63 22.04
C LEU A 218 2.66 2.97 22.12
N MET A 219 3.49 2.25 21.37
CA MET A 219 4.93 2.39 21.58
C MET A 219 5.69 2.93 20.39
N GLY A 220 4.99 3.15 19.28
CA GLY A 220 5.55 3.89 18.16
C GLY A 220 6.50 3.14 17.24
N LYS A 221 6.67 1.82 17.44
CA LYS A 221 7.65 1.05 16.67
C LYS A 221 7.05 -0.03 15.76
N PHE A 222 7.68 -0.24 14.59
CA PHE A 222 7.12 -1.03 13.50
C PHE A 222 7.96 -2.27 13.16
N THR A 223 7.28 -3.40 12.96
CA THR A 223 7.90 -4.69 12.62
C THR A 223 7.18 -5.41 11.46
N THR A 224 7.79 -6.47 10.95
CA THR A 224 7.10 -7.35 10.01
C THR A 224 5.74 -7.82 10.55
N ALA A 225 5.64 -8.05 11.86
CA ALA A 225 4.39 -8.48 12.48
C ALA A 225 3.32 -7.38 12.45
N SER A 226 3.74 -6.13 12.59
CA SER A 226 2.80 -5.04 12.45
C SER A 226 2.44 -4.85 10.96
N ASP A 227 3.34 -5.21 10.05
CA ASP A 227 2.97 -5.22 8.62
C ASP A 227 1.87 -6.28 8.34
N VAL A 228 1.92 -7.39 9.07
CA VAL A 228 0.88 -8.41 8.92
C VAL A 228 -0.48 -7.81 9.34
N TRP A 229 -0.47 -7.04 10.43
CA TRP A 229 -1.65 -6.42 10.95
C TRP A 229 -2.19 -5.47 9.90
N ALA A 230 -1.33 -4.62 9.35
CA ALA A 230 -1.76 -3.69 8.30
C ALA A 230 -2.28 -4.45 7.07
N PHE A 231 -1.72 -5.63 6.80
CA PHE A 231 -2.20 -6.43 5.66
C PHE A 231 -3.61 -6.93 5.91
N GLY A 232 -3.91 -7.34 7.13
CA GLY A 232 -5.26 -7.67 7.51
C GLY A 232 -6.24 -6.56 7.20
N VAL A 233 -5.89 -5.33 7.59
CA VAL A 233 -6.74 -4.18 7.27
C VAL A 233 -6.87 -3.95 5.77
N THR A 234 -5.75 -4.04 5.07
CA THR A 234 -5.73 -3.90 3.62
C THR A 234 -6.60 -4.95 2.93
N LEU A 235 -6.60 -6.16 3.50
CA LEU A 235 -7.41 -7.25 2.95
C LEU A 235 -8.87 -6.94 3.20
N TRP A 236 -9.16 -6.39 4.38
CA TRP A 236 -10.50 -5.90 4.69
C TRP A 236 -10.94 -4.85 3.65
N GLU A 237 -10.06 -3.89 3.35
CA GLU A 237 -10.33 -2.88 2.32
C GLU A 237 -10.74 -3.48 0.97
N VAL A 238 -9.89 -4.39 0.48
CA VAL A 238 -10.14 -5.04 -0.81
C VAL A 238 -11.51 -5.71 -0.82
N LEU A 239 -11.80 -6.46 0.24
CA LEU A 239 -13.08 -7.15 0.31
C LEU A 239 -14.27 -6.20 0.47
N MET A 240 -14.03 -4.99 0.98
CA MET A 240 -15.05 -3.95 1.01
C MET A 240 -15.14 -3.17 -0.29
N LEU A 241 -14.28 -3.54 -1.25
CA LEU A 241 -14.06 -2.75 -2.46
C LEU A 241 -13.83 -1.27 -2.13
N CYS A 242 -13.14 -1.04 -1.02
CA CYS A 242 -12.73 0.30 -0.60
C CYS A 242 -13.88 1.27 -0.48
N ARG A 243 -15.07 0.79 -0.08
CA ARG A 243 -16.23 1.67 0.02
C ARG A 243 -16.36 2.33 1.38
N ALA A 244 -15.58 1.87 2.35
CA ALA A 244 -15.61 2.49 3.67
C ALA A 244 -14.23 2.53 4.33
N GLN A 245 -14.01 3.55 5.15
CA GLN A 245 -12.79 3.67 5.94
C GLN A 245 -12.81 2.69 7.12
N PRO A 246 -11.66 2.06 7.42
CA PRO A 246 -11.60 1.19 8.60
C PRO A 246 -12.01 1.92 9.88
N PHE A 247 -12.91 1.34 10.67
CA PHE A 247 -13.44 1.97 11.88
C PHE A 247 -14.04 3.33 11.53
N GLY A 248 -14.75 3.40 10.40
CA GLY A 248 -15.23 4.66 9.86
C GLY A 248 -16.20 5.47 10.72
N GLN A 249 -16.95 4.80 11.58
CA GLN A 249 -17.90 5.51 12.47
C GLN A 249 -17.30 5.85 13.85
N LEU A 250 -16.02 5.54 14.04
CA LEU A 250 -15.33 5.85 15.29
C LEU A 250 -14.37 7.00 15.05
N THR A 251 -14.08 7.80 16.08
CA THR A 251 -13.13 8.91 15.96
C THR A 251 -11.67 8.44 15.98
N ASP A 252 -10.74 9.31 15.62
CA ASP A 252 -9.31 9.01 15.80
C ASP A 252 -9.00 8.65 17.24
N GLU A 253 -9.62 9.36 18.17
CA GLU A 253 -9.33 9.15 19.58
C GLU A 253 -9.87 7.80 20.04
N GLN A 254 -11.02 7.40 19.53
CA GLN A 254 -11.55 6.08 19.86
C GLN A 254 -10.68 4.96 19.29
N VAL A 255 -10.13 5.19 18.10
CA VAL A 255 -9.25 4.19 17.48
C VAL A 255 -7.96 4.03 18.29
N ILE A 256 -7.45 5.14 18.80
CA ILE A 256 -6.26 5.12 19.64
C ILE A 256 -6.56 4.44 20.99
N GLU A 257 -7.70 4.76 21.59
CA GLU A 257 -8.12 4.10 22.83
C GLU A 257 -8.37 2.59 22.66
N ASN A 258 -8.79 2.17 21.48
CA ASN A 258 -8.93 0.74 21.18
C ASN A 258 -7.61 -0.02 21.34
N ALA A 259 -6.51 0.62 20.97
CA ALA A 259 -5.19 0.02 21.14
C ALA A 259 -4.95 -0.27 22.62
N GLY A 260 -5.41 0.63 23.48
CA GLY A 260 -5.34 0.43 24.92
C GLY A 260 -6.10 -0.80 25.38
N GLU A 261 -7.22 -1.09 24.74
CA GLU A 261 -8.01 -2.25 25.15
C GLU A 261 -7.34 -3.55 24.71
N PHE A 262 -6.51 -3.49 23.68
CA PHE A 262 -5.70 -4.65 23.29
C PHE A 262 -4.64 -4.86 24.36
N PHE A 263 -4.01 -3.76 24.79
CA PHE A 263 -2.98 -3.83 25.80
C PHE A 263 -3.51 -4.45 27.07
N ARG A 264 -4.52 -3.83 27.67
CA ARG A 264 -5.05 -4.30 28.95
C ARG A 264 -5.69 -5.69 28.88
N ASP A 265 -6.06 -6.12 27.67
CA ASP A 265 -6.55 -7.48 27.42
C ASP A 265 -7.65 -7.94 28.38
N GLN A 266 -8.78 -7.24 28.36
CA GLN A 266 -9.90 -7.61 29.19
C GLN A 266 -11.12 -7.80 28.32
N GLY A 267 -10.89 -8.16 27.06
CA GLY A 267 -11.96 -8.52 26.15
C GLY A 267 -12.88 -7.39 25.74
N ARG A 268 -12.43 -6.14 25.87
CA ARG A 268 -13.22 -5.00 25.44
C ARG A 268 -12.72 -4.39 24.13
N GLN A 269 -11.70 -4.99 23.52
CA GLN A 269 -11.21 -4.46 22.25
C GLN A 269 -12.17 -4.82 21.12
N VAL A 270 -12.21 -3.96 20.08
CA VAL A 270 -13.07 -4.22 18.92
C VAL A 270 -12.27 -4.41 17.62
N TYR A 271 -12.91 -5.08 16.66
CA TYR A 271 -12.35 -5.42 15.35
C TYR A 271 -13.20 -4.92 14.20
N LEU A 272 -12.59 -4.80 13.02
CA LEU A 272 -13.31 -4.58 11.77
C LEU A 272 -14.25 -5.77 11.53
N SER A 273 -15.43 -5.48 11.01
CA SER A 273 -16.48 -6.51 10.84
C SER A 273 -16.33 -7.24 9.52
N ARG A 274 -16.97 -8.40 9.39
CA ARG A 274 -16.86 -9.17 8.15
C ARG A 274 -17.49 -8.44 6.98
N PRO A 275 -16.71 -8.19 5.91
CA PRO A 275 -17.28 -7.55 4.71
C PRO A 275 -18.30 -8.47 4.03
N PRO A 276 -19.29 -7.90 3.34
CA PRO A 276 -20.29 -8.73 2.65
C PRO A 276 -19.69 -9.70 1.64
N ALA A 277 -18.66 -9.28 0.92
CA ALA A 277 -18.00 -10.13 -0.08
C ALA A 277 -17.14 -11.21 0.54
N CYS A 278 -16.94 -11.15 1.85
CA CYS A 278 -16.00 -12.02 2.55
C CYS A 278 -16.66 -13.21 3.22
N PRO A 279 -16.32 -14.43 2.78
CA PRO A 279 -16.84 -15.62 3.45
C PRO A 279 -16.20 -15.79 4.83
N GLN A 280 -16.86 -16.54 5.71
CA GLN A 280 -16.43 -16.62 7.09
C GLN A 280 -15.01 -17.20 7.25
N GLY A 281 -14.66 -18.21 6.45
CA GLY A 281 -13.33 -18.81 6.55
C GLY A 281 -12.21 -17.81 6.29
N LEU A 282 -12.42 -16.92 5.33
CA LEU A 282 -11.43 -15.90 5.02
C LEU A 282 -11.39 -14.83 6.12
N TYR A 283 -12.54 -14.54 6.70
CA TYR A 283 -12.59 -13.55 7.76
C TYR A 283 -11.86 -14.02 9.00
N GLU A 284 -11.92 -15.32 9.28
CA GLU A 284 -11.18 -15.84 10.45
C GLU A 284 -9.67 -15.72 10.26
N LEU A 285 -9.21 -15.77 9.01
CA LEU A 285 -7.79 -15.51 8.73
C LEU A 285 -7.42 -14.02 8.92
N MET A 286 -8.33 -13.13 8.51
CA MET A 286 -8.17 -11.70 8.73
C MET A 286 -8.00 -11.47 10.21
N LEU A 287 -8.87 -12.08 11.02
CA LEU A 287 -8.84 -11.85 12.47
C LEU A 287 -7.53 -12.30 13.10
N ARG A 288 -6.94 -13.38 12.58
CA ARG A 288 -5.66 -13.80 13.10
C ARG A 288 -4.58 -12.73 12.88
N CYS A 289 -4.76 -11.89 11.85
CA CYS A 289 -3.82 -10.80 11.59
C CYS A 289 -3.87 -9.75 12.70
N TRP A 290 -4.95 -9.75 13.48
CA TRP A 290 -5.12 -8.79 14.57
C TRP A 290 -5.02 -9.44 15.96
N SER A 291 -4.36 -10.59 16.02
CA SER A 291 -4.03 -11.24 17.30
C SER A 291 -3.20 -10.30 18.17
N ARG A 292 -3.48 -10.28 19.47
CA ARG A 292 -2.73 -9.42 20.39
C ARG A 292 -1.24 -9.73 20.30
N GLU A 293 -0.90 -11.01 20.42
CA GLU A 293 0.50 -11.43 20.35
C GLU A 293 1.00 -11.42 18.93
N SER A 294 2.09 -10.71 18.69
CA SER A 294 2.75 -10.69 17.38
C SER A 294 3.06 -12.08 16.82
N GLU A 295 3.51 -12.98 17.68
CA GLU A 295 3.91 -14.31 17.25
C GLU A 295 2.74 -15.13 16.72
N GLN A 296 1.52 -14.76 17.10
CA GLN A 296 0.36 -15.57 16.71
C GLN A 296 -0.24 -15.08 15.39
N ARG A 297 0.24 -13.94 14.91
CA ARG A 297 -0.18 -13.44 13.62
C ARG A 297 0.43 -14.30 12.52
N PRO A 298 -0.35 -14.61 11.46
CA PRO A 298 0.18 -15.51 10.42
C PRO A 298 1.30 -14.88 9.58
N PRO A 299 2.35 -15.66 9.25
CA PRO A 299 3.36 -15.10 8.34
C PRO A 299 2.81 -14.89 6.92
N PHE A 300 3.48 -14.07 6.11
CA PHE A 300 3.02 -13.81 4.76
C PHE A 300 3.03 -15.08 3.88
N SER A 301 3.90 -16.03 4.17
CA SER A 301 3.88 -17.29 3.44
C SER A 301 2.53 -18.01 3.61
N GLN A 302 1.99 -18.01 4.82
CA GLN A 302 0.71 -18.69 5.07
C GLN A 302 -0.48 -17.88 4.52
N LEU A 303 -0.38 -16.56 4.63
CA LEU A 303 -1.47 -15.72 4.09
C LEU A 303 -1.55 -15.90 2.58
N HIS A 304 -0.39 -15.91 1.93
CA HIS A 304 -0.38 -16.08 0.49
C HIS A 304 -0.94 -17.45 0.09
N ARG A 305 -0.61 -18.48 0.86
CA ARG A 305 -1.05 -19.82 0.48
C ARG A 305 -2.54 -19.91 0.62
N PHE A 306 -3.09 -19.28 1.65
CA PHE A 306 -4.53 -19.35 1.85
C PHE A 306 -5.24 -18.63 0.72
N LEU A 307 -4.77 -17.43 0.39
CA LEU A 307 -5.43 -16.64 -0.64
C LEU A 307 -5.32 -17.24 -2.03
N ALA A 308 -4.21 -17.91 -2.30
CA ALA A 308 -4.00 -18.52 -3.61
C ALA A 308 -4.63 -19.92 -3.75
N GLU A 309 -4.81 -20.62 -2.64
CA GLU A 309 -5.33 -21.98 -2.72
C GLU A 309 -6.57 -22.23 -1.87
N ASP A 310 -6.40 -22.20 -0.55
CA ASP A 310 -7.47 -22.54 0.38
C ASP A 310 -8.77 -21.77 0.15
N ALA A 311 -8.65 -20.47 -0.17
CA ALA A 311 -9.84 -19.65 -0.38
C ALA A 311 -10.63 -20.06 -1.63
N LEU A 312 -10.08 -20.95 -2.45
CA LEU A 312 -10.75 -21.36 -3.69
C LEU A 312 -11.89 -22.35 -3.50
N ASN A 313 -11.92 -23.07 -2.37
CA ASN A 313 -13.06 -23.94 -2.11
C ASN A 313 -14.19 -23.21 -1.40
N THR A 314 -13.94 -21.96 -1.02
CA THR A 314 -14.97 -21.08 -0.46
C THR A 314 -15.57 -20.16 -1.53
N VAL A 315 -15.40 -20.56 -2.79
CA VAL A 315 -15.98 -19.83 -3.92
C VAL A 315 -17.18 -20.59 -4.50
I IOD B . -17.04 1.07 12.93
C10 1IZ C . 2.01 6.52 -10.09
C11 1IZ C . 1.01 6.49 -11.05
C15 1IZ C . 8.46 2.50 -2.44
C16 1IZ C . 9.25 1.94 -1.39
C17 1IZ C . 10.08 2.73 -0.61
C18 1IZ C . 10.15 4.11 -0.86
C19 1IZ C . 9.37 4.68 -1.90
C21 1IZ C . 7.99 0.01 -0.77
C25 1IZ C . 7.50 6.25 -6.53
C26 1IZ C . 6.42 6.90 -7.43
C27 1IZ C . 6.87 6.87 -8.91
C28 1IZ C . 8.25 7.48 -9.09
C1 1IZ C . 5.06 6.17 -7.20
C2 1IZ C . 7.10 6.51 -5.06
N3 1IZ C . 7.93 5.81 -4.07
C4 1IZ C . 3.89 6.55 -8.15
C5 1IZ C . 7.65 4.50 -3.70
O6 1IZ C . 6.72 3.89 -4.22
C7 1IZ C . 8.53 3.88 -2.66
O8 1IZ C . 4.07 5.72 -9.29
C9 1IZ C . 3.14 5.69 -10.29
C12 1IZ C . 1.16 5.65 -12.18
N13 1IZ C . 2.24 4.86 -12.38
C14 1IZ C . 3.21 4.88 -11.45
O20 1IZ C . 9.15 0.53 -1.24
F22 1IZ C . 6.93 0.29 -1.48
F23 1IZ C . 8.11 -1.31 -0.66
F24 1IZ C . 7.74 0.53 0.43
C29 1IZ C . 9.29 6.77 -8.21
C30 1IZ C . 8.89 6.88 -6.75
CL CL D . 5.70 10.94 -4.80
#